data_5GGN
#
_entry.id   5GGN
#
_cell.length_a   70.524
_cell.length_b   90.481
_cell.length_c   53.634
_cell.angle_alpha   90.00
_cell.angle_beta   90.00
_cell.angle_gamma   90.00
#
_symmetry.space_group_name_H-M   'P 21 21 2'
#
loop_
_entity.id
_entity.type
_entity.pdbx_description
1 polymer 'Protein O-linked-mannose beta-1,2-N-acetylglucosaminyltransferase 1'
2 non-polymer '4-nitrophenyl 2-acetamido-2-deoxy-beta-D-glucopyranoside'
3 water water
#
_entity_poly.entity_id   1
_entity_poly.type   'polypeptide(L)'
_entity_poly.pdbx_seq_one_letter_code
;GPLGSGSGPRRVLDVEVYSSRSKVYVAVDGTTVLEDEAREQGRGIHVIVLNQATGHVMAKRVFDTYSPHEDEAMVLFLNM
VAPGRVLICTVKDEGSFHLKDTAKALLRSLGSQAGPALGWRDTWAFVGRKGGPVFGEKHSKSPALSSWGDPVLLKTDVPL
SSAE
;
_entity_poly.pdbx_strand_id   A,B
#
# COMPACT_ATOMS: atom_id res chain seq x y z
N ARG A 11 -4.10 13.51 6.63
CA ARG A 11 -3.97 12.85 5.32
C ARG A 11 -3.72 11.39 5.55
N VAL A 12 -3.90 10.94 6.79
CA VAL A 12 -3.82 9.52 7.11
C VAL A 12 -4.93 9.15 8.06
N LEU A 13 -5.27 7.87 8.06
CA LEU A 13 -6.07 7.26 9.11
C LEU A 13 -5.15 6.38 9.95
N ASP A 14 -5.30 6.48 11.27
CA ASP A 14 -4.58 5.59 12.18
C ASP A 14 -5.46 4.38 12.43
N VAL A 15 -5.11 3.22 11.88
CA VAL A 15 -5.95 2.02 11.96
C VAL A 15 -5.28 1.01 12.88
N GLU A 16 -6.03 0.46 13.81
CA GLU A 16 -5.55 -0.64 14.64
C GLU A 16 -6.48 -1.83 14.44
N VAL A 17 -5.89 -3.00 14.25
CA VAL A 17 -6.66 -4.22 13.97
C VAL A 17 -6.15 -5.30 14.89
N TYR A 18 -7.04 -5.93 15.66
CA TYR A 18 -6.66 -6.97 16.61
C TYR A 18 -7.38 -8.27 16.25
N SER A 19 -6.63 -9.35 16.21
CA SER A 19 -7.14 -10.70 15.93
C SER A 19 -6.66 -11.63 17.04
N SER A 20 -7.56 -12.47 17.57
CA SER A 20 -7.19 -13.40 18.63
C SER A 20 -8.24 -14.50 18.74
N ARG A 21 -7.91 -15.47 19.61
CA ARG A 21 -8.83 -16.56 19.91
C ARG A 21 -10.20 -16.05 20.34
N SER A 22 -10.22 -15.05 21.26
CA SER A 22 -11.43 -14.69 21.97
C SER A 22 -11.94 -13.28 21.73
N LYS A 23 -11.24 -12.48 20.92
CA LYS A 23 -11.60 -11.07 20.79
C LYS A 23 -11.09 -10.50 19.47
N VAL A 24 -11.92 -9.70 18.83
CA VAL A 24 -11.43 -8.86 17.73
C VAL A 24 -11.82 -7.41 18.04
N TYR A 25 -11.02 -6.48 17.52
CA TYR A 25 -11.49 -5.09 17.44
C TYR A 25 -10.78 -4.38 16.30
N VAL A 26 -11.40 -3.32 15.85
CA VAL A 26 -10.81 -2.42 14.86
C VAL A 26 -11.04 -1.02 15.40
N ALA A 27 -9.98 -0.22 15.43
CA ALA A 27 -10.07 1.18 15.79
C ALA A 27 -9.60 2.04 14.63
N VAL A 28 -10.28 3.17 14.44
CA VAL A 28 -9.93 4.12 13.37
C VAL A 28 -9.82 5.49 14.04
N ASP A 29 -8.65 6.09 13.96
CA ASP A 29 -8.38 7.37 14.58
C ASP A 29 -8.71 7.39 16.07
N GLY A 30 -8.42 6.28 16.74
CA GLY A 30 -8.47 6.24 18.19
C GLY A 30 -9.81 5.83 18.74
N THR A 31 -10.79 5.50 17.90
CA THR A 31 -12.17 5.16 18.26
C THR A 31 -12.44 3.74 17.76
N THR A 32 -13.04 2.91 18.61
CA THR A 32 -13.39 1.54 18.21
C THR A 32 -14.62 1.52 17.30
N VAL A 33 -14.48 0.98 16.08
CA VAL A 33 -15.60 0.82 15.14
C VAL A 33 -16.13 -0.60 15.12
N LEU A 34 -15.37 -1.56 15.64
CA LEU A 34 -15.78 -2.96 15.74
C LEU A 34 -15.16 -3.46 17.03
N GLU A 35 -15.96 -4.12 17.84
CA GLU A 35 -15.41 -4.70 19.06
C GLU A 35 -16.27 -5.90 19.42
N ASP A 36 -15.67 -7.09 19.47
CA ASP A 36 -16.42 -8.31 19.78
C ASP A 36 -15.56 -9.16 20.69
N GLU A 37 -15.90 -9.12 21.98
CA GLU A 37 -15.23 -9.84 23.05
C GLU A 37 -16.14 -10.90 23.63
N ALA A 38 -17.27 -11.19 22.99
CA ALA A 38 -18.28 -12.08 23.54
C ALA A 38 -17.88 -13.53 23.36
N ARG A 39 -18.11 -14.32 24.40
CA ARG A 39 -17.64 -15.69 24.56
C ARG A 39 -17.77 -16.56 23.31
N GLU A 40 -18.99 -16.94 22.93
CA GLU A 40 -19.14 -17.93 21.87
C GLU A 40 -19.88 -17.32 20.69
N GLN A 41 -19.47 -16.12 20.29
CA GLN A 41 -20.12 -15.37 19.22
C GLN A 41 -19.05 -14.81 18.33
N GLY A 42 -19.44 -14.45 17.10
CA GLY A 42 -18.52 -13.70 16.23
C GLY A 42 -17.37 -14.49 15.69
N ARG A 43 -17.47 -15.80 15.63
CA ARG A 43 -16.36 -16.58 15.06
C ARG A 43 -16.19 -16.28 13.56
N GLY A 44 -14.94 -16.24 13.10
CA GLY A 44 -14.67 -16.19 11.66
C GLY A 44 -13.94 -14.92 11.26
N ILE A 45 -14.12 -14.53 10.00
CA ILE A 45 -13.43 -13.38 9.44
C ILE A 45 -14.36 -12.18 9.49
N HIS A 46 -13.97 -11.19 10.26
CA HIS A 46 -14.66 -9.90 10.31
C HIS A 46 -14.12 -9.03 9.19
N VAL A 47 -15.02 -8.35 8.48
CA VAL A 47 -14.65 -7.48 7.38
C VAL A 47 -15.26 -6.11 7.61
N ILE A 48 -14.40 -5.08 7.56
CA ILE A 48 -14.83 -3.70 7.65
C ILE A 48 -14.39 -2.98 6.38
N VAL A 49 -15.31 -2.21 5.80
CA VAL A 49 -15.02 -1.41 4.61
C VAL A 49 -15.10 0.06 4.99
N LEU A 50 -14.04 0.82 4.70
CA LEU A 50 -14.05 2.26 5.00
C LEU A 50 -14.05 3.09 3.73
N ASN A 51 -14.71 4.25 3.81
CA ASN A 51 -14.54 5.29 2.79
C ASN A 51 -13.09 5.78 2.82
N GLN A 52 -12.49 5.86 1.65
CA GLN A 52 -11.06 6.11 1.54
C GLN A 52 -10.69 7.58 1.70
N ALA A 53 -11.66 8.49 1.75
CA ALA A 53 -11.41 9.91 2.00
C ALA A 53 -11.72 10.30 3.44
N THR A 54 -12.73 9.71 4.07
CA THR A 54 -13.16 10.10 5.41
C THR A 54 -12.88 9.07 6.48
N GLY A 55 -12.67 7.81 6.08
CA GLY A 55 -12.58 6.75 7.08
C GLY A 55 -13.91 6.29 7.65
N HIS A 56 -15.04 6.83 7.17
CA HIS A 56 -16.33 6.37 7.69
C HIS A 56 -16.55 4.91 7.31
N VAL A 57 -17.22 4.17 8.19
CA VAL A 57 -17.51 2.75 7.95
C VAL A 57 -18.65 2.64 6.96
N MET A 58 -18.38 2.01 5.82
CA MET A 58 -19.39 1.74 4.79
C MET A 58 -20.09 0.41 4.98
N ALA A 59 -19.43 -0.56 5.60
CA ALA A 59 -20.03 -1.88 5.80
C ALA A 59 -19.23 -2.59 6.88
N LYS A 60 -19.92 -3.44 7.63
CA LYS A 60 -19.30 -4.29 8.65
C LYS A 60 -19.96 -5.65 8.52
N ARG A 61 -19.19 -6.72 8.36
CA ARG A 61 -19.73 -8.06 8.21
C ARG A 61 -18.89 -9.02 9.05
N VAL A 62 -19.46 -10.18 9.32
CA VAL A 62 -18.66 -11.29 9.82
C VAL A 62 -19.06 -12.54 9.08
N PHE A 63 -18.07 -13.28 8.59
CA PHE A 63 -18.30 -14.51 7.83
C PHE A 63 -17.70 -15.67 8.64
N ASP A 64 -18.57 -16.57 9.11
CA ASP A 64 -18.11 -17.68 9.93
C ASP A 64 -17.50 -18.76 9.04
N THR A 65 -16.27 -18.51 8.57
CA THR A 65 -15.63 -19.41 7.59
C THR A 65 -15.09 -20.69 8.21
N TYR A 66 -15.29 -20.89 9.51
CA TYR A 66 -15.20 -22.23 10.10
C TYR A 66 -16.34 -23.15 9.61
N SER A 67 -17.44 -22.58 9.10
CA SER A 67 -18.62 -23.35 8.73
C SER A 67 -18.82 -23.27 7.22
N PRO A 68 -19.41 -24.28 6.60
CA PRO A 68 -19.61 -24.23 5.14
C PRO A 68 -20.48 -23.06 4.70
N HIS A 69 -20.24 -22.61 3.46
CA HIS A 69 -21.05 -21.64 2.72
C HIS A 69 -20.72 -20.20 3.07
N GLU A 70 -20.09 -19.94 4.22
CA GLU A 70 -19.80 -18.55 4.60
C GLU A 70 -18.73 -17.92 3.70
N ASP A 71 -17.78 -18.73 3.22
CA ASP A 71 -16.78 -18.21 2.29
C ASP A 71 -17.41 -17.74 0.99
N GLU A 72 -18.45 -18.44 0.52
CA GLU A 72 -19.14 -18.05 -0.72
C GLU A 72 -19.84 -16.72 -0.52
N ALA A 73 -20.43 -16.52 0.66
CA ALA A 73 -21.03 -15.22 0.97
C ALA A 73 -19.96 -14.13 1.02
N MET A 74 -18.81 -14.46 1.59
CA MET A 74 -17.73 -13.47 1.66
C MET A 74 -17.26 -13.07 0.25
N VAL A 75 -17.14 -14.03 -0.66
CA VAL A 75 -16.73 -13.74 -2.04
C VAL A 75 -17.74 -12.80 -2.71
N LEU A 76 -19.03 -13.13 -2.59
CA LEU A 76 -20.06 -12.29 -3.22
C LEU A 76 -20.00 -10.87 -2.69
N PHE A 77 -19.82 -10.73 -1.35
CA PHE A 77 -19.78 -9.41 -0.75
C PHE A 77 -18.54 -8.65 -1.20
N LEU A 78 -17.36 -9.28 -1.08
CA LEU A 78 -16.13 -8.55 -1.42
C LEU A 78 -16.10 -8.14 -2.89
N ASN A 79 -16.67 -8.96 -3.77
CA ASN A 79 -16.66 -8.60 -5.18
C ASN A 79 -17.48 -7.34 -5.46
N MET A 80 -18.43 -6.99 -4.61
CA MET A 80 -19.21 -5.76 -4.80
C MET A 80 -18.52 -4.54 -4.21
N VAL A 81 -17.47 -4.69 -3.39
CA VAL A 81 -16.78 -3.53 -2.84
C VAL A 81 -16.03 -2.78 -3.93
N ALA A 82 -16.11 -1.47 -3.92
CA ALA A 82 -15.42 -0.65 -4.91
C ALA A 82 -13.90 -0.71 -4.76
N PRO A 83 -13.15 -0.65 -5.89
CA PRO A 83 -11.69 -0.69 -5.79
C PRO A 83 -11.08 0.41 -4.89
N GLY A 84 -11.68 1.55 -4.77
CA GLY A 84 -10.87 2.45 -3.89
C GLY A 84 -11.00 2.28 -2.37
N ARG A 85 -11.91 1.42 -1.92
CA ARG A 85 -12.20 1.34 -0.50
C ARG A 85 -11.01 0.80 0.31
N VAL A 86 -10.97 1.18 1.59
CA VAL A 86 -10.07 0.54 2.52
C VAL A 86 -10.76 -0.73 3.03
N LEU A 87 -10.10 -1.86 2.91
CA LEU A 87 -10.61 -3.14 3.36
C LEU A 87 -9.82 -3.61 4.58
N ILE A 88 -10.53 -4.00 5.63
CA ILE A 88 -9.92 -4.49 6.85
C ILE A 88 -10.50 -5.86 7.17
N CYS A 89 -9.63 -6.83 7.44
CA CYS A 89 -10.08 -8.16 7.86
C CYS A 89 -9.40 -8.54 9.16
N THR A 90 -10.12 -9.25 10.03
CA THR A 90 -9.54 -9.75 11.27
C THR A 90 -10.23 -11.05 11.67
N VAL A 91 -9.46 -12.02 12.17
CA VAL A 91 -10.03 -13.32 12.54
C VAL A 91 -10.33 -13.41 14.03
N LYS A 92 -11.50 -13.95 14.36
CA LYS A 92 -11.80 -14.37 15.74
C LYS A 92 -11.91 -15.90 15.77
N ASP A 93 -11.08 -16.56 16.62
CA ASP A 93 -11.18 -17.99 16.90
C ASP A 93 -10.66 -18.86 15.74
N GLU A 94 -11.44 -18.98 14.66
CA GLU A 94 -11.07 -19.92 13.58
C GLU A 94 -11.71 -19.43 12.29
N GLY A 95 -10.91 -19.18 11.27
CA GLY A 95 -11.44 -18.66 10.02
C GLY A 95 -11.10 -19.47 8.78
N SER A 96 -10.50 -20.65 8.95
CA SER A 96 -9.91 -21.36 7.82
C SER A 96 -10.58 -22.67 7.42
N PHE A 97 -11.34 -23.34 8.28
CA PHE A 97 -11.77 -24.70 7.97
C PHE A 97 -12.50 -24.76 6.65
N HIS A 98 -13.41 -23.81 6.42
CA HIS A 98 -14.19 -23.73 5.20
C HIS A 98 -13.86 -22.46 4.40
N LEU A 99 -12.62 -22.00 4.48
CA LEU A 99 -12.13 -20.93 3.61
C LEU A 99 -11.57 -21.63 2.38
N LYS A 100 -12.38 -21.77 1.33
CA LYS A 100 -11.99 -22.64 0.23
C LYS A 100 -11.29 -21.87 -0.90
N ASP A 101 -11.02 -22.57 -2.01
CA ASP A 101 -10.05 -22.05 -2.96
C ASP A 101 -10.49 -20.75 -3.63
N THR A 102 -11.77 -20.58 -3.94
CA THR A 102 -12.17 -19.32 -4.59
C THR A 102 -11.98 -18.12 -3.66
N ALA A 103 -12.32 -18.28 -2.38
CA ALA A 103 -12.09 -17.20 -1.41
C ALA A 103 -10.61 -16.93 -1.23
N LYS A 104 -9.79 -17.98 -1.14
CA LYS A 104 -8.36 -17.78 -0.99
C LYS A 104 -7.80 -17.07 -2.20
N ALA A 105 -8.28 -17.41 -3.41
CA ALA A 105 -7.80 -16.73 -4.62
C ALA A 105 -8.19 -15.25 -4.57
N LEU A 106 -9.41 -14.95 -4.08
CA LEU A 106 -9.80 -13.55 -3.99
C LEU A 106 -8.91 -12.78 -3.01
N LEU A 107 -8.62 -13.36 -1.84
CA LEU A 107 -7.70 -12.72 -0.92
C LEU A 107 -6.33 -12.50 -1.55
N ARG A 108 -5.85 -13.50 -2.32
CA ARG A 108 -4.57 -13.33 -3.01
C ARG A 108 -4.63 -12.17 -3.98
N SER A 109 -5.75 -12.00 -4.70
CA SER A 109 -5.90 -10.89 -5.66
C SER A 109 -5.83 -9.52 -4.98
N LEU A 110 -6.17 -9.43 -3.68
CA LEU A 110 -6.00 -8.19 -2.91
C LEU A 110 -4.55 -7.93 -2.57
N GLY A 111 -3.69 -8.91 -2.71
CA GLY A 111 -2.32 -8.76 -2.30
C GLY A 111 -2.05 -9.33 -0.93
N SER A 112 -3.05 -9.94 -0.30
CA SER A 112 -2.83 -10.54 1.01
C SER A 112 -1.85 -11.69 0.91
N GLN A 113 -0.88 -11.71 1.81
CA GLN A 113 0.07 -12.81 1.84
C GLN A 113 -0.38 -13.93 2.76
N ALA A 114 -1.01 -13.60 3.89
CA ALA A 114 -1.36 -14.58 4.90
C ALA A 114 -2.76 -15.15 4.69
N GLY A 115 -3.67 -14.35 4.15
CA GLY A 115 -5.04 -14.79 3.97
C GLY A 115 -5.16 -16.05 3.12
N PRO A 116 -4.48 -16.09 1.97
CA PRO A 116 -4.60 -17.28 1.11
C PRO A 116 -4.02 -18.52 1.74
N ALA A 117 -3.17 -18.36 2.76
CA ALA A 117 -2.49 -19.45 3.47
C ALA A 117 -3.10 -19.68 4.85
N LEU A 118 -4.23 -19.06 5.18
CA LEU A 118 -4.75 -19.15 6.54
C LEU A 118 -5.03 -20.59 6.93
N GLY A 119 -4.57 -21.00 8.12
CA GLY A 119 -4.77 -22.34 8.63
C GLY A 119 -5.51 -22.36 9.95
N TRP A 120 -5.65 -23.58 10.46
CA TRP A 120 -6.51 -23.88 11.61
C TRP A 120 -6.12 -23.05 12.82
N ARG A 121 -7.06 -22.24 13.30
CA ARG A 121 -6.90 -21.42 14.49
C ARG A 121 -5.77 -20.39 14.39
N ASP A 122 -5.31 -20.05 13.19
CA ASP A 122 -4.36 -18.97 13.00
C ASP A 122 -5.07 -17.64 13.25
N THR A 123 -4.31 -16.64 13.72
CA THR A 123 -4.82 -15.27 13.83
C THR A 123 -4.27 -14.44 12.67
N TRP A 124 -5.02 -13.42 12.27
CA TRP A 124 -4.72 -12.69 11.03
C TRP A 124 -5.40 -11.34 11.07
N ALA A 125 -4.63 -10.28 10.77
CA ALA A 125 -5.11 -8.92 10.67
C ALA A 125 -4.60 -8.34 9.35
N PHE A 126 -5.46 -7.61 8.65
CA PHE A 126 -5.17 -7.14 7.30
C PHE A 126 -5.78 -5.76 7.08
N VAL A 127 -5.01 -4.86 6.46
CA VAL A 127 -5.55 -3.57 6.03
C VAL A 127 -4.99 -3.27 4.63
N GLY A 128 -5.87 -3.02 3.64
CA GLY A 128 -5.37 -2.70 2.31
C GLY A 128 -6.40 -1.96 1.49
N ARG A 129 -5.96 -1.27 0.43
CA ARG A 129 -6.91 -0.70 -0.53
C ARG A 129 -7.40 -1.80 -1.44
N LYS A 130 -8.72 -1.88 -1.69
CA LYS A 130 -9.23 -3.04 -2.40
C LYS A 130 -8.51 -3.23 -3.70
N GLY A 131 -8.41 -2.16 -4.48
CA GLY A 131 -7.64 -2.32 -5.72
C GLY A 131 -6.11 -2.28 -5.63
N GLY A 132 -5.54 -2.33 -4.42
CA GLY A 132 -4.10 -2.36 -4.16
C GLY A 132 -3.62 -0.95 -3.88
N PRO A 133 -2.54 -0.81 -3.09
CA PRO A 133 -1.71 -1.84 -2.44
C PRO A 133 -2.24 -2.25 -1.04
N VAL A 134 -1.62 -3.28 -0.49
CA VAL A 134 -1.79 -3.62 0.93
C VAL A 134 -1.05 -2.60 1.77
N PHE A 135 -1.65 -2.17 2.88
CA PHE A 135 -1.00 -1.23 3.78
C PHE A 135 -0.36 -1.92 4.97
N GLY A 136 -0.98 -2.93 5.56
CA GLY A 136 -0.40 -3.66 6.67
C GLY A 136 -1.01 -5.05 6.78
N GLU A 137 -0.25 -5.98 7.35
CA GLU A 137 -0.73 -7.35 7.52
C GLU A 137 0.09 -8.02 8.61
N LYS A 138 -0.57 -8.80 9.48
CA LYS A 138 0.09 -9.63 10.48
C LYS A 138 -0.63 -10.97 10.57
N HIS A 139 0.11 -12.01 10.97
CA HIS A 139 -0.42 -13.37 11.00
C HIS A 139 0.36 -14.12 12.06
N SER A 140 -0.33 -14.94 12.87
CA SER A 140 0.35 -15.85 13.78
C SER A 140 -0.20 -17.26 13.56
N LYS A 141 0.70 -18.19 13.32
CA LYS A 141 0.29 -19.56 13.08
C LYS A 141 -0.02 -20.27 14.40
N SER A 142 -1.14 -20.96 14.45
CA SER A 142 -1.38 -21.86 15.57
C SER A 142 -0.26 -22.92 15.63
N PRO A 143 0.29 -23.19 16.82
CA PRO A 143 1.38 -24.18 16.92
C PRO A 143 0.92 -25.61 17.09
N ALA A 144 -0.37 -25.86 17.28
CA ALA A 144 -0.86 -27.21 17.51
C ALA A 144 -2.37 -27.19 17.32
N LEU A 145 -2.95 -28.35 16.97
CA LEU A 145 -4.38 -28.35 16.69
C LEU A 145 -5.19 -27.91 17.90
N SER A 146 -4.69 -28.17 19.11
CA SER A 146 -5.40 -27.82 20.32
C SER A 146 -5.12 -26.37 20.77
N SER A 147 -4.39 -25.58 19.98
CA SER A 147 -3.94 -24.22 20.34
C SER A 147 -4.34 -23.22 19.27
N TRP A 148 -4.23 -21.93 19.60
CA TRP A 148 -4.51 -20.83 18.69
C TRP A 148 -3.23 -20.05 18.40
N GLY A 149 -3.22 -19.32 17.27
CA GLY A 149 -2.19 -18.33 17.06
C GLY A 149 -2.15 -17.33 18.21
N ASP A 150 -1.01 -16.66 18.37
CA ASP A 150 -0.94 -15.61 19.36
C ASP A 150 -1.80 -14.43 18.92
N PRO A 151 -2.31 -13.62 19.86
CA PRO A 151 -2.98 -12.39 19.44
C PRO A 151 -2.06 -11.54 18.58
N VAL A 152 -2.61 -10.93 17.55
CA VAL A 152 -1.88 -9.96 16.73
C VAL A 152 -2.57 -8.62 16.77
N LEU A 153 -1.77 -7.58 16.95
CA LEU A 153 -2.23 -6.20 16.98
C LEU A 153 -1.47 -5.47 15.88
N LEU A 154 -2.17 -5.15 14.80
CA LEU A 154 -1.59 -4.46 13.67
C LEU A 154 -1.93 -2.99 13.73
N LYS A 155 -0.92 -2.13 13.62
CA LYS A 155 -1.11 -0.68 13.63
C LYS A 155 -0.59 -0.15 12.31
N THR A 156 -1.46 0.51 11.54
CA THR A 156 -1.10 0.93 10.19
C THR A 156 -1.62 2.35 9.96
N ASP A 157 -0.77 3.21 9.36
CA ASP A 157 -1.20 4.51 8.90
C ASP A 157 -1.66 4.38 7.46
N VAL A 158 -2.92 4.61 7.20
CA VAL A 158 -3.50 4.43 5.87
C VAL A 158 -3.58 5.78 5.20
N PRO A 159 -3.01 5.93 4.00
CA PRO A 159 -3.13 7.22 3.33
C PRO A 159 -4.56 7.51 2.91
N LEU A 160 -5.02 8.76 3.08
CA LEU A 160 -6.35 9.14 2.65
C LEU A 160 -6.35 9.70 1.24
N SER A 161 -7.44 9.48 0.50
CA SER A 161 -7.61 10.14 -0.78
C SER A 161 -8.33 11.47 -0.53
N SER A 162 -8.25 12.38 -1.50
CA SER A 162 -9.01 13.62 -1.38
C SER A 162 -9.24 14.19 -2.76
N ALA A 163 -10.05 15.26 -2.80
CA ALA A 163 -10.19 16.26 -3.90
C ALA A 163 -11.64 16.49 -4.24
N VAL B 12 -5.85 6.46 -22.14
CA VAL B 12 -5.43 7.04 -20.85
C VAL B 12 -5.03 5.96 -19.83
N LEU B 13 -3.84 6.11 -19.24
CA LEU B 13 -3.31 5.19 -18.22
C LEU B 13 -3.75 5.58 -16.81
N ASP B 14 -4.15 4.59 -16.00
CA ASP B 14 -4.38 4.78 -14.57
C ASP B 14 -3.09 4.44 -13.83
N VAL B 15 -2.46 5.44 -13.24
CA VAL B 15 -1.15 5.25 -12.59
C VAL B 15 -1.30 5.46 -11.10
N GLU B 16 -0.87 4.46 -10.32
CA GLU B 16 -0.94 4.53 -8.86
C GLU B 16 0.47 4.43 -8.32
N VAL B 17 0.81 5.33 -7.39
CA VAL B 17 2.19 5.42 -6.89
C VAL B 17 2.14 5.59 -5.37
N TYR B 18 2.80 4.67 -4.66
CA TYR B 18 2.81 4.67 -3.21
C TYR B 18 4.23 4.86 -2.73
N SER B 19 4.42 5.77 -1.76
CA SER B 19 5.71 6.05 -1.10
C SER B 19 5.50 5.96 0.39
N SER B 20 6.41 5.27 1.08
CA SER B 20 6.29 5.11 2.53
C SER B 20 7.65 4.71 3.10
N ARG B 21 7.70 4.69 4.42
CA ARG B 21 8.89 4.23 5.13
C ARG B 21 9.36 2.87 4.66
N SER B 22 8.44 1.89 4.55
CA SER B 22 8.82 0.50 4.41
C SER B 22 8.53 -0.10 3.04
N LYS B 23 7.86 0.64 2.15
CA LYS B 23 7.31 0.03 0.94
C LYS B 23 7.12 1.06 -0.15
N VAL B 24 7.51 0.71 -1.38
CA VAL B 24 7.01 1.44 -2.54
C VAL B 24 6.19 0.48 -3.39
N TYR B 25 5.27 1.06 -4.18
CA TYR B 25 4.38 0.28 -5.04
C TYR B 25 4.00 1.19 -6.20
N VAL B 26 4.04 0.65 -7.42
CA VAL B 26 3.56 1.36 -8.61
C VAL B 26 2.74 0.40 -9.43
N ALA B 27 1.58 0.87 -9.87
CA ALA B 27 0.72 0.08 -10.76
C ALA B 27 0.31 0.94 -11.94
N VAL B 28 0.20 0.31 -13.09
CA VAL B 28 -0.25 0.99 -14.30
C VAL B 28 -1.42 0.16 -14.84
N ASP B 29 -2.59 0.77 -14.91
CA ASP B 29 -3.79 0.08 -15.41
C ASP B 29 -4.09 -1.16 -14.57
N GLY B 30 -3.85 -1.05 -13.26
CA GLY B 30 -4.15 -2.13 -12.35
C GLY B 30 -3.10 -3.19 -12.22
N THR B 31 -2.07 -3.19 -13.09
CA THR B 31 -0.98 -4.16 -13.03
C THR B 31 0.21 -3.57 -12.27
N THR B 32 0.67 -4.29 -11.28
CA THR B 32 1.84 -3.85 -10.53
C THR B 32 3.08 -3.91 -11.42
N VAL B 33 3.82 -2.81 -11.47
CA VAL B 33 5.07 -2.76 -12.21
C VAL B 33 6.26 -2.55 -11.26
N LEU B 34 6.01 -2.22 -10.00
CA LEU B 34 7.04 -2.14 -8.97
C LEU B 34 6.38 -2.46 -7.64
N GLU B 35 7.02 -3.32 -6.85
CA GLU B 35 6.62 -3.45 -5.46
C GLU B 35 7.87 -3.85 -4.70
N ASP B 36 8.27 -3.03 -3.72
CA ASP B 36 9.48 -3.33 -2.96
C ASP B 36 9.16 -3.04 -1.51
N GLU B 37 9.09 -4.10 -0.69
CA GLU B 37 8.95 -3.97 0.75
C GLU B 37 10.02 -4.76 1.47
N ALA B 38 11.14 -4.99 0.81
CA ALA B 38 12.19 -5.80 1.41
C ALA B 38 12.85 -5.00 2.54
N ARG B 39 13.09 -5.69 3.67
CA ARG B 39 13.73 -5.04 4.82
C ARG B 39 15.14 -4.58 4.49
N GLU B 40 15.90 -5.44 3.83
CA GLU B 40 17.32 -5.20 3.63
C GLU B 40 17.58 -4.03 2.67
N GLN B 41 16.72 -3.82 1.67
CA GLN B 41 17.18 -3.29 0.39
C GLN B 41 16.24 -2.21 -0.16
N GLY B 42 16.68 -1.60 -1.26
CA GLY B 42 15.84 -0.74 -2.06
C GLY B 42 15.51 0.61 -1.46
N ARG B 43 16.34 1.10 -0.54
CA ARG B 43 16.18 2.46 -0.03
C ARG B 43 16.44 3.46 -1.14
N GLY B 44 15.66 4.54 -1.15
CA GLY B 44 16.00 5.70 -1.97
C GLY B 44 14.90 6.05 -2.96
N ILE B 45 15.31 6.67 -4.06
CA ILE B 45 14.37 7.15 -5.07
C ILE B 45 14.25 6.08 -6.15
N HIS B 46 13.07 5.49 -6.28
CA HIS B 46 12.76 4.56 -7.36
C HIS B 46 12.27 5.37 -8.55
N VAL B 47 12.79 5.07 -9.73
CA VAL B 47 12.48 5.78 -10.96
C VAL B 47 12.02 4.77 -11.99
N ILE B 48 10.85 5.05 -12.60
CA ILE B 48 10.31 4.23 -13.67
C ILE B 48 10.09 5.12 -14.87
N VAL B 49 10.48 4.64 -16.05
CA VAL B 49 10.29 5.35 -17.31
C VAL B 49 9.28 4.57 -18.10
N LEU B 50 8.19 5.24 -18.48
CA LEU B 50 7.24 4.63 -19.40
C LEU B 50 7.34 5.21 -20.80
N ASN B 51 7.12 4.33 -21.79
CA ASN B 51 6.88 4.76 -23.15
C ASN B 51 5.57 5.55 -23.21
N GLN B 52 5.64 6.77 -23.77
N GLN B 52 5.63 6.78 -23.78
CA GLN B 52 4.49 7.68 -23.84
CA GLN B 52 4.45 7.66 -23.92
C GLN B 52 3.36 7.17 -24.75
C GLN B 52 3.31 6.97 -24.63
N ALA B 53 3.65 6.26 -25.70
CA ALA B 53 2.69 5.47 -26.46
C ALA B 53 2.80 4.17 -25.66
N THR B 54 1.70 3.50 -25.42
CA THR B 54 1.72 2.19 -24.76
C THR B 54 1.65 2.22 -23.24
N GLY B 55 2.47 3.03 -22.54
CA GLY B 55 2.55 2.91 -21.10
C GLY B 55 3.41 1.77 -20.63
N HIS B 56 4.07 1.08 -21.54
CA HIS B 56 4.94 -0.02 -21.14
C HIS B 56 6.17 0.54 -20.44
N VAL B 57 6.64 -0.20 -19.46
CA VAL B 57 7.86 0.18 -18.76
C VAL B 57 9.05 -0.01 -19.68
N MET B 58 9.83 1.06 -19.88
CA MET B 58 11.09 0.99 -20.60
C MET B 58 12.27 0.66 -19.71
N ALA B 59 12.29 1.23 -18.50
CA ALA B 59 13.37 0.99 -17.57
C ALA B 59 12.90 1.31 -16.16
N LYS B 60 13.49 0.62 -15.20
CA LYS B 60 13.24 0.86 -13.79
CA LYS B 60 13.23 0.82 -13.80
C LYS B 60 14.58 0.85 -13.07
N ARG B 61 14.72 1.76 -12.10
CA ARG B 61 15.95 1.91 -11.34
C ARG B 61 15.61 2.25 -9.90
N VAL B 62 16.57 2.06 -9.01
CA VAL B 62 16.53 2.67 -7.68
C VAL B 62 17.88 3.28 -7.38
N PHE B 63 17.86 4.50 -6.84
CA PHE B 63 19.07 5.24 -6.50
C PHE B 63 19.05 5.51 -5.00
N ASP B 64 20.03 4.99 -4.28
CA ASP B 64 20.07 5.13 -2.82
C ASP B 64 20.65 6.51 -2.47
N THR B 65 19.86 7.55 -2.68
CA THR B 65 20.34 8.92 -2.53
C THR B 65 20.46 9.36 -1.07
N TYR B 66 20.10 8.50 -0.13
CA TYR B 66 20.55 8.66 1.26
C TYR B 66 22.08 8.57 1.35
N SER B 67 22.69 7.77 0.47
CA SER B 67 24.12 7.50 0.51
C SER B 67 24.90 8.38 -0.48
N PRO B 68 26.15 8.73 -0.16
CA PRO B 68 26.90 9.61 -1.07
C PRO B 68 26.98 9.08 -2.50
N HIS B 69 26.86 9.99 -3.48
CA HIS B 69 27.21 9.79 -4.89
C HIS B 69 26.14 9.10 -5.73
N GLU B 70 25.18 8.45 -5.09
CA GLU B 70 24.14 7.75 -5.87
C GLU B 70 23.30 8.74 -6.68
N ASP B 71 23.18 9.98 -6.18
CA ASP B 71 22.48 11.03 -6.93
C ASP B 71 23.11 11.28 -8.30
N GLU B 72 24.43 11.12 -8.42
CA GLU B 72 25.09 11.32 -9.70
C GLU B 72 24.68 10.25 -10.71
N ALA B 73 24.49 9.01 -10.24
CA ALA B 73 23.97 7.98 -11.13
C ALA B 73 22.54 8.30 -11.54
N MET B 74 21.74 8.84 -10.62
CA MET B 74 20.38 9.21 -10.97
C MET B 74 20.38 10.31 -12.03
N VAL B 75 21.25 11.31 -11.88
CA VAL B 75 21.32 12.39 -12.88
C VAL B 75 21.68 11.84 -14.26
N LEU B 76 22.67 10.93 -14.31
CA LEU B 76 23.01 10.34 -15.62
C LEU B 76 21.82 9.65 -16.26
N PHE B 77 21.09 8.89 -15.44
CA PHE B 77 19.93 8.14 -15.96
C PHE B 77 18.82 9.09 -16.42
N LEU B 78 18.46 10.05 -15.59
CA LEU B 78 17.39 10.97 -15.97
C LEU B 78 17.75 11.76 -17.21
N ASN B 79 19.02 12.14 -17.37
CA ASN B 79 19.40 12.90 -18.56
C ASN B 79 19.32 12.06 -19.83
N MET B 80 19.30 10.73 -19.73
CA MET B 80 19.11 9.89 -20.91
C MET B 80 17.66 9.69 -21.26
N VAL B 81 16.75 10.06 -20.39
CA VAL B 81 15.33 9.89 -20.69
C VAL B 81 14.95 10.85 -21.80
N ALA B 82 14.29 10.33 -22.82
CA ALA B 82 13.92 11.17 -23.94
C ALA B 82 12.85 12.18 -23.52
N PRO B 83 12.90 13.39 -24.07
CA PRO B 83 11.75 14.28 -23.94
C PRO B 83 10.50 13.53 -24.40
N GLY B 84 9.42 13.68 -23.64
CA GLY B 84 8.14 13.06 -23.97
C GLY B 84 7.85 11.77 -23.22
N ARG B 85 8.85 11.13 -22.62
CA ARG B 85 8.58 9.95 -21.80
C ARG B 85 7.81 10.36 -20.55
N VAL B 86 7.16 9.37 -19.93
CA VAL B 86 6.51 9.59 -18.64
C VAL B 86 7.40 9.07 -17.55
N LEU B 87 7.68 9.93 -16.58
CA LEU B 87 8.53 9.58 -15.46
C LEU B 87 7.71 9.39 -14.19
N ILE B 88 8.05 8.35 -13.44
CA ILE B 88 7.47 8.08 -12.13
C ILE B 88 8.61 8.02 -11.14
N CYS B 89 8.47 8.73 -10.04
CA CYS B 89 9.44 8.65 -8.94
C CYS B 89 8.70 8.37 -7.64
N THR B 90 9.28 7.52 -6.78
CA THR B 90 8.69 7.24 -5.48
C THR B 90 9.81 6.90 -4.51
N VAL B 91 9.71 7.41 -3.27
CA VAL B 91 10.73 7.21 -2.23
C VAL B 91 10.38 6.02 -1.34
N LYS B 92 11.37 5.16 -1.09
CA LYS B 92 11.31 4.16 -0.02
C LYS B 92 12.29 4.61 1.07
N ASP B 93 11.77 4.82 2.30
CA ASP B 93 12.58 5.10 3.50
C ASP B 93 13.16 6.51 3.47
N GLU B 94 14.16 6.77 2.64
CA GLU B 94 14.87 8.06 2.72
C GLU B 94 15.53 8.32 1.38
N GLY B 95 15.27 9.52 0.80
CA GLY B 95 15.86 9.83 -0.48
C GLY B 95 16.61 11.16 -0.51
N SER B 96 16.71 11.88 0.61
CA SER B 96 17.29 13.23 0.59
C SER B 96 18.70 13.36 1.10
N PHE B 97 19.20 12.41 1.87
CA PHE B 97 20.29 12.79 2.78
C PHE B 97 21.55 13.24 2.04
N HIS B 98 21.91 12.57 0.95
CA HIS B 98 23.02 12.98 0.11
C HIS B 98 22.55 13.33 -1.29
N LEU B 99 21.32 13.86 -1.40
CA LEU B 99 20.75 14.32 -2.67
C LEU B 99 21.22 15.76 -2.88
N LYS B 100 22.23 15.96 -3.74
CA LYS B 100 22.86 17.28 -3.81
C LYS B 100 22.11 18.22 -4.76
N ASP B 101 22.63 19.44 -4.82
CA ASP B 101 21.97 20.54 -5.52
C ASP B 101 21.75 20.26 -7.00
N THR B 102 22.72 19.64 -7.68
CA THR B 102 22.53 19.38 -9.11
C THR B 102 21.33 18.46 -9.36
N ALA B 103 21.24 17.38 -8.58
CA ALA B 103 20.11 16.48 -8.70
C ALA B 103 18.81 17.17 -8.34
N LYS B 104 18.79 17.97 -7.26
CA LYS B 104 17.57 18.66 -6.88
C LYS B 104 17.11 19.63 -7.98
N ALA B 105 18.05 20.35 -8.60
CA ALA B 105 17.69 21.25 -9.67
C ALA B 105 17.16 20.48 -10.88
N LEU B 106 17.69 19.28 -11.13
CA LEU B 106 17.17 18.46 -12.23
C LEU B 106 15.75 17.98 -11.93
N LEU B 107 15.50 17.52 -10.70
CA LEU B 107 14.12 17.15 -10.35
C LEU B 107 13.18 18.35 -10.51
N ARG B 108 13.65 19.53 -10.12
CA ARG B 108 12.84 20.73 -10.32
C ARG B 108 12.56 20.94 -11.82
N SER B 109 13.57 20.78 -12.68
CA SER B 109 13.39 21.02 -14.11
C SER B 109 12.35 20.08 -14.73
N LEU B 110 12.21 18.90 -14.15
CA LEU B 110 11.26 17.89 -14.59
C LEU B 110 9.85 18.23 -14.11
N GLY B 111 9.71 19.29 -13.31
CA GLY B 111 8.43 19.76 -12.83
C GLY B 111 8.16 19.55 -11.36
N SER B 112 9.01 18.84 -10.62
CA SER B 112 8.65 18.49 -9.25
C SER B 112 8.71 19.68 -8.29
N GLN B 113 7.69 19.78 -7.43
CA GLN B 113 7.73 20.71 -6.30
C GLN B 113 8.50 20.15 -5.12
N ALA B 114 8.36 18.86 -4.87
CA ALA B 114 8.97 18.27 -3.68
C ALA B 114 10.45 17.95 -3.85
N GLY B 115 10.87 17.53 -5.04
CA GLY B 115 12.25 17.12 -5.26
C GLY B 115 13.26 18.17 -4.83
N PRO B 116 13.10 19.45 -5.24
CA PRO B 116 14.11 20.46 -4.85
C PRO B 116 14.10 20.78 -3.38
N ALA B 117 13.03 20.44 -2.70
CA ALA B 117 12.85 20.68 -1.27
C ALA B 117 13.04 19.43 -0.43
N LEU B 118 13.35 18.28 -1.02
CA LEU B 118 13.18 17.00 -0.31
C LEU B 118 14.03 16.97 0.93
N GLY B 119 13.44 16.51 2.04
CA GLY B 119 14.13 16.45 3.31
C GLY B 119 14.13 15.07 3.93
N TRP B 120 14.68 15.03 5.14
CA TRP B 120 14.99 13.77 5.82
C TRP B 120 13.74 12.95 6.04
N ARG B 121 13.72 11.75 5.45
CA ARG B 121 12.64 10.76 5.65
C ARG B 121 11.29 11.27 5.15
N ASP B 122 11.28 12.26 4.26
CA ASP B 122 10.05 12.64 3.59
C ASP B 122 9.63 11.53 2.64
N THR B 123 8.32 11.36 2.49
CA THR B 123 7.78 10.51 1.44
C THR B 123 7.39 11.38 0.23
N TRP B 124 7.41 10.76 -0.97
CA TRP B 124 7.29 11.54 -2.20
C TRP B 124 6.88 10.59 -3.32
N ALA B 125 5.82 10.98 -4.05
CA ALA B 125 5.36 10.25 -5.24
C ALA B 125 5.16 11.28 -6.35
N PHE B 126 5.63 10.99 -7.56
CA PHE B 126 5.60 11.97 -8.65
C PHE B 126 5.33 11.25 -9.96
N VAL B 127 4.47 11.83 -10.81
CA VAL B 127 4.27 11.33 -12.18
C VAL B 127 4.24 12.56 -13.09
N GLY B 128 5.09 12.60 -14.09
CA GLY B 128 5.11 13.76 -14.99
C GLY B 128 5.78 13.40 -16.30
N ARG B 129 5.40 14.13 -17.34
CA ARG B 129 6.07 13.96 -18.63
C ARG B 129 7.35 14.77 -18.67
N LYS B 130 8.44 14.21 -19.21
CA LYS B 130 9.68 14.99 -19.35
C LYS B 130 9.45 16.05 -20.44
N GLY B 131 9.56 17.31 -20.06
CA GLY B 131 9.20 18.42 -20.87
C GLY B 131 7.89 19.03 -20.44
N GLY B 132 7.19 18.39 -19.50
CA GLY B 132 5.95 18.91 -18.96
C GLY B 132 4.76 18.36 -19.71
N PRO B 133 3.58 18.31 -19.09
CA PRO B 133 3.31 18.78 -17.73
C PRO B 133 3.51 17.69 -16.67
N VAL B 134 3.42 18.14 -15.43
CA VAL B 134 3.27 17.22 -14.29
C VAL B 134 1.86 16.64 -14.31
N PHE B 135 1.72 15.33 -14.07
CA PHE B 135 0.40 14.71 -13.96
C PHE B 135 -0.07 14.62 -12.51
N GLY B 136 0.84 14.34 -11.56
CA GLY B 136 0.44 14.39 -10.16
C GLY B 136 1.66 14.34 -9.26
N GLU B 137 1.47 14.73 -8.01
CA GLU B 137 2.59 14.72 -7.05
C GLU B 137 2.02 14.73 -5.64
N LYS B 138 2.61 13.94 -4.74
CA LYS B 138 2.30 13.99 -3.31
C LYS B 138 3.61 14.00 -2.54
N HIS B 139 3.60 14.66 -1.39
CA HIS B 139 4.80 14.84 -0.60
C HIS B 139 4.36 14.96 0.84
N SER B 140 4.98 14.21 1.75
CA SER B 140 4.72 14.38 3.19
C SER B 140 6.06 14.57 3.90
N LYS B 141 6.16 15.66 4.64
CA LYS B 141 7.38 15.94 5.43
C LYS B 141 7.41 15.09 6.71
N SER B 142 8.56 14.49 6.98
CA SER B 142 8.74 13.85 8.26
C SER B 142 8.57 14.85 9.41
N PRO B 143 7.84 14.50 10.48
CA PRO B 143 7.65 15.43 11.58
C PRO B 143 8.75 15.38 12.64
N ALA B 144 9.74 14.50 12.50
CA ALA B 144 10.74 14.39 13.56
C ALA B 144 11.90 13.51 13.06
N LEU B 145 13.11 13.69 13.62
CA LEU B 145 14.28 12.94 13.16
C LEU B 145 14.03 11.42 13.20
N SER B 146 13.34 10.94 14.22
CA SER B 146 13.08 9.52 14.38
C SER B 146 11.84 9.04 13.63
N SER B 147 11.20 9.89 12.83
CA SER B 147 9.95 9.54 12.17
C SER B 147 10.08 9.74 10.67
N TRP B 148 9.05 9.24 9.96
CA TRP B 148 8.98 9.32 8.52
C TRP B 148 7.79 10.19 8.12
N GLY B 149 7.84 10.72 6.91
CA GLY B 149 6.61 11.24 6.34
C GLY B 149 5.46 10.24 6.34
N ASP B 150 4.23 10.73 6.26
CA ASP B 150 3.09 9.83 6.17
C ASP B 150 3.14 9.05 4.86
N PRO B 151 2.66 7.81 4.82
CA PRO B 151 2.50 7.14 3.52
C PRO B 151 1.64 8.03 2.62
N VAL B 152 1.99 8.08 1.32
CA VAL B 152 1.21 8.83 0.33
C VAL B 152 0.87 7.89 -0.80
N LEU B 153 -0.35 8.01 -1.30
CA LEU B 153 -0.81 7.22 -2.44
C LEU B 153 -1.32 8.18 -3.47
N LEU B 154 -0.56 8.35 -4.54
CA LEU B 154 -0.95 9.19 -5.67
C LEU B 154 -1.68 8.34 -6.71
N LYS B 155 -2.82 8.82 -7.16
CA LYS B 155 -3.54 8.12 -8.22
C LYS B 155 -3.84 9.18 -9.27
N THR B 156 -3.36 8.98 -10.49
CA THR B 156 -3.56 9.98 -11.54
C THR B 156 -3.69 9.35 -12.92
N ASP B 157 -4.32 10.09 -13.84
CA ASP B 157 -4.39 9.74 -15.26
C ASP B 157 -3.20 10.25 -16.05
N VAL B 158 -2.75 9.43 -17.00
CA VAL B 158 -1.73 9.82 -17.94
C VAL B 158 -2.22 9.57 -19.36
N PRO B 159 -2.43 10.59 -20.17
CA PRO B 159 -2.87 10.37 -21.56
C PRO B 159 -1.74 9.78 -22.39
N LEU B 160 -2.07 8.82 -23.25
CA LEU B 160 -1.10 8.27 -24.18
C LEU B 160 -0.91 9.22 -25.35
N SER B 161 0.29 9.23 -25.89
CA SER B 161 0.58 9.98 -27.09
C SER B 161 0.04 9.18 -28.27
N SER B 162 0.10 9.77 -29.45
CA SER B 162 -0.43 9.06 -30.60
C SER B 162 0.40 7.81 -30.90
#